data_8WZO
#
_entry.id   8WZO
#
_cell.length_a   77.976
_cell.length_b   47.747
_cell.length_c   127.859
_cell.angle_alpha   90.000
_cell.angle_beta   105.380
_cell.angle_gamma   90.000
#
_symmetry.space_group_name_H-M   'I 1 2 1'
#
loop_
_entity.id
_entity.type
_entity.pdbx_description
1 polymer 'E3 ubiquitin-protein ligase parkin'
2 polymer NEDD8
3 non-polymer 'ZINC ION'
4 non-polymer 1,2-ETHANEDIOL
5 water water
#
loop_
_entity_poly.entity_id
_entity_poly.type
_entity_poly.pdbx_seq_one_letter_code
_entity_poly.pdbx_strand_id
1 'polypeptide(L)'
;SIYNSFYVYCKGPCQRVQPGKLRVQCSTCRQATLTLTQGPSCWDDVLIPNRMSGECQSPHCPGTSAEFFFKCGAHPTSDK
ETSVALHLIATNSRNITCITCTDVRSPVLVFQCNSRHVICLDCFHLYCVTRLNDRQFVHDPQLGYSLPCVAGCPNSLIKE
LHHFRILGEEQYNRYQQYGAEECVLQMGGVLCPRPGCGAGLLPEPDQRKVTCEGGNGLGCGFAFCRECKEAYHEGECSAV
FEASGTTTQAYRVDERAAEQARWEAASKETIKKTTKPCPRCHVPVEKNGGCMHMKCPQPQCRLEWCWNCGCEWNRVCMGD
HWFDV
;
A
2 'polypeptide(L)'
;SMLIKVKTLTGKEIEIDIEPTDKVERIKERVEEKEGIPPQQQRLIYSGKQMNDEKTAADYKILGG(SEP)VLHLVLALRG
G
;
B
#
loop_
_chem_comp.id
_chem_comp.type
_chem_comp.name
_chem_comp.formula
EDO non-polymer 1,2-ETHANEDIOL 'C2 H6 O2'
ZN non-polymer 'ZINC ION' 'Zn 2'
#
# COMPACT_ATOMS: atom_id res chain seq x y z
N ILE A 2 -10.94 15.23 -18.86
CA ILE A 2 -10.50 15.30 -17.44
C ILE A 2 -9.07 14.78 -17.32
N TYR A 3 -8.23 15.51 -16.59
CA TYR A 3 -6.90 15.02 -16.25
C TYR A 3 -6.88 14.52 -14.81
N ASN A 4 -6.42 13.28 -14.64
CA ASN A 4 -6.37 12.60 -13.36
C ASN A 4 -4.92 12.27 -13.04
N SER A 5 -4.40 12.88 -11.97
CA SER A 5 -3.04 12.65 -11.49
C SER A 5 -3.00 11.45 -10.55
N PHE A 6 -4.16 11.10 -9.97
CA PHE A 6 -4.18 10.19 -8.84
C PHE A 6 -5.08 8.98 -9.13
N TYR A 7 -4.58 7.80 -8.79
CA TYR A 7 -5.35 6.56 -8.89
C TYR A 7 -5.36 5.87 -7.54
N VAL A 8 -6.53 5.32 -7.18
CA VAL A 8 -6.70 4.64 -5.91
C VAL A 8 -7.17 3.21 -6.19
N TYR A 9 -7.02 2.34 -5.19
CA TYR A 9 -7.76 1.09 -5.19
C TYR A 9 -9.04 1.24 -4.38
N CYS A 10 -10.18 1.22 -5.09
CA CYS A 10 -11.49 1.25 -4.45
C CYS A 10 -11.87 -0.16 -4.05
N LYS A 11 -11.80 -0.40 -2.73
CA LYS A 11 -12.18 -1.65 -2.09
C LYS A 11 -13.70 -1.68 -1.93
N GLY A 12 -14.33 -0.53 -2.14
CA GLY A 12 -15.77 -0.38 -2.00
C GLY A 12 -16.51 -1.00 -3.18
N PRO A 13 -17.52 -0.33 -3.76
CA PRO A 13 -18.32 -0.91 -4.83
C PRO A 13 -17.57 -1.18 -6.12
N CYS A 14 -16.53 -0.39 -6.42
CA CYS A 14 -15.83 -0.48 -7.69
C CYS A 14 -15.01 -1.76 -7.78
N GLN A 15 -14.34 -2.13 -6.68
CA GLN A 15 -13.55 -3.35 -6.62
C GLN A 15 -12.43 -3.34 -7.66
N ARG A 16 -11.86 -2.15 -7.91
CA ARG A 16 -10.81 -2.01 -8.91
C ARG A 16 -10.05 -0.70 -8.69
N VAL A 17 -8.98 -0.53 -9.48
CA VAL A 17 -8.25 0.72 -9.58
C VAL A 17 -9.16 1.75 -10.23
N GLN A 18 -9.28 2.92 -9.60
CA GLN A 18 -10.12 4.00 -10.10
C GLN A 18 -9.37 5.32 -9.98
N PRO A 19 -9.66 6.33 -10.84
CA PRO A 19 -9.15 7.69 -10.61
C PRO A 19 -9.63 8.19 -9.25
N GLY A 20 -8.75 8.93 -8.56
CA GLY A 20 -8.99 9.32 -7.18
C GLY A 20 -9.01 10.82 -6.99
N LYS A 21 -9.52 11.26 -5.82
CA LYS A 21 -9.61 12.65 -5.43
C LYS A 21 -8.72 12.89 -4.21
N LEU A 22 -7.83 13.88 -4.32
CA LEU A 22 -6.97 14.26 -3.22
C LEU A 22 -7.70 15.26 -2.32
N ARG A 23 -7.67 15.00 -1.02
CA ARG A 23 -8.32 15.84 -0.02
C ARG A 23 -7.31 16.14 1.09
N VAL A 24 -7.56 17.21 1.85
CA VAL A 24 -6.65 17.58 2.92
C VAL A 24 -7.46 18.01 4.14
N GLN A 25 -6.95 17.65 5.33
CA GLN A 25 -7.55 18.03 6.59
C GLN A 25 -6.44 18.39 7.57
N CYS A 26 -6.84 19.01 8.69
CA CYS A 26 -5.96 19.28 9.81
C CYS A 26 -5.66 17.97 10.53
N SER A 27 -4.38 17.72 10.82
CA SER A 27 -3.96 16.45 11.39
C SER A 27 -4.36 16.35 12.87
N THR A 28 -4.76 17.47 13.48
CA THR A 28 -5.09 17.51 14.90
C THR A 28 -6.59 17.24 15.09
N CYS A 29 -7.43 18.10 14.51
CA CYS A 29 -8.87 18.04 14.72
C CYS A 29 -9.53 17.15 13.66
N ARG A 30 -8.76 16.80 12.63
CA ARG A 30 -9.20 15.94 11.53
C ARG A 30 -10.41 16.54 10.82
N GLN A 31 -10.45 17.88 10.75
CA GLN A 31 -11.51 18.59 10.04
C GLN A 31 -10.93 19.24 8.78
N ALA A 32 -11.83 19.58 7.85
CA ALA A 32 -11.48 20.18 6.58
C ALA A 32 -11.33 21.68 6.75
N THR A 33 -10.46 22.08 7.69
CA THR A 33 -10.36 23.45 8.17
C THR A 33 -8.94 23.97 8.00
N LEU A 34 -8.11 23.23 7.26
CA LEU A 34 -6.69 23.53 7.12
C LEU A 34 -6.48 24.32 5.83
N THR A 35 -5.96 25.55 5.96
CA THR A 35 -5.51 26.33 4.82
C THR A 35 -4.00 26.13 4.65
N LEU A 36 -3.61 25.45 3.56
CA LEU A 36 -2.22 25.08 3.31
C LEU A 36 -1.37 26.33 3.08
N THR A 37 -0.12 26.28 3.58
CA THR A 37 0.87 27.31 3.32
C THR A 37 1.19 27.31 1.83
N GLN A 38 1.49 26.13 1.29
CA GLN A 38 1.66 25.94 -0.14
C GLN A 38 1.00 24.62 -0.55
N GLY A 39 0.62 24.53 -1.82
CA GLY A 39 0.06 23.31 -2.39
C GLY A 39 1.11 22.21 -2.51
N PRO A 40 0.71 20.92 -2.50
CA PRO A 40 1.67 19.82 -2.68
C PRO A 40 2.25 19.83 -4.09
N SER A 41 3.51 19.41 -4.22
CA SER A 41 4.20 19.44 -5.50
C SER A 41 4.64 18.05 -5.92
N CYS A 42 4.60 17.09 -4.99
CA CYS A 42 5.06 15.73 -5.28
C CYS A 42 4.31 14.73 -4.41
N TRP A 43 4.59 13.43 -4.64
CA TRP A 43 3.95 12.34 -3.92
C TRP A 43 4.36 12.35 -2.46
N ASP A 44 5.63 12.66 -2.19
CA ASP A 44 6.18 12.69 -0.85
C ASP A 44 5.37 13.65 0.04
N ASP A 45 4.93 14.77 -0.56
CA ASP A 45 4.23 15.83 0.14
C ASP A 45 2.89 15.33 0.71
N VAL A 46 2.28 14.34 0.03
CA VAL A 46 0.94 13.91 0.39
C VAL A 46 0.93 12.51 0.98
N LEU A 47 2.12 11.89 1.14
CA LEU A 47 2.17 10.50 1.60
C LEU A 47 2.89 10.40 2.95
N ILE A 48 3.90 11.25 3.15
CA ILE A 48 4.64 11.22 4.40
C ILE A 48 3.96 12.17 5.39
N PRO A 49 3.59 11.69 6.60
CA PRO A 49 2.93 12.53 7.60
C PRO A 49 3.79 13.73 8.03
N ASN A 50 3.11 14.84 8.32
CA ASN A 50 3.72 16.04 8.89
C ASN A 50 4.85 16.53 7.99
N ARG A 51 4.52 16.80 6.72
CA ARG A 51 5.49 17.30 5.77
C ARG A 51 5.07 18.70 5.33
N MET A 52 3.76 18.93 5.27
CA MET A 52 3.22 20.19 4.81
C MET A 52 2.53 20.90 5.99
N SER A 53 2.60 22.24 5.96
CA SER A 53 2.10 23.07 7.04
C SER A 53 0.84 23.82 6.60
N GLY A 54 0.08 24.32 7.58
CA GLY A 54 -1.09 25.12 7.29
C GLY A 54 -1.66 25.77 8.55
N GLU A 55 -2.66 26.62 8.36
CA GLU A 55 -3.39 27.21 9.47
C GLU A 55 -4.76 26.55 9.56
N CYS A 56 -5.08 26.03 10.75
CA CYS A 56 -6.41 25.48 11.01
C CYS A 56 -7.34 26.62 11.39
N GLN A 57 -8.54 26.62 10.79
CA GLN A 57 -9.52 27.67 10.99
C GLN A 57 -10.54 27.23 12.05
N SER A 58 -10.40 26.00 12.55
CA SER A 58 -11.27 25.49 13.59
C SER A 58 -10.96 26.21 14.91
N PRO A 59 -11.98 26.76 15.60
CA PRO A 59 -11.76 27.55 16.83
C PRO A 59 -10.93 26.80 17.87
N HIS A 60 -9.82 27.44 18.27
CA HIS A 60 -8.96 27.01 19.37
C HIS A 60 -8.22 25.71 19.04
N CYS A 61 -8.06 25.41 17.75
CA CYS A 61 -7.29 24.25 17.35
C CYS A 61 -5.83 24.66 17.14
N PRO A 62 -4.87 23.94 17.77
CA PRO A 62 -3.45 24.28 17.63
C PRO A 62 -2.74 23.67 16.42
N GLY A 63 -3.48 22.89 15.62
CA GLY A 63 -2.92 22.17 14.49
C GLY A 63 -2.35 23.10 13.41
N THR A 64 -1.15 22.74 12.91
CA THR A 64 -0.52 23.44 11.81
C THR A 64 -0.05 22.46 10.74
N SER A 65 -0.51 21.20 10.83
CA SER A 65 -0.04 20.15 9.94
C SER A 65 -1.17 19.60 9.07
N ALA A 66 -0.83 19.34 7.80
CA ALA A 66 -1.76 18.76 6.83
C ALA A 66 -1.72 17.24 6.90
N GLU A 67 -2.90 16.62 6.82
CA GLU A 67 -3.07 15.20 6.59
C GLU A 67 -3.85 15.01 5.29
N PHE A 68 -3.18 14.44 4.29
CA PHE A 68 -3.81 14.21 3.00
C PHE A 68 -4.44 12.83 2.99
N PHE A 69 -5.56 12.69 2.26
CA PHE A 69 -6.20 11.40 2.06
C PHE A 69 -6.86 11.39 0.69
N PHE A 70 -7.16 10.19 0.21
CA PHE A 70 -7.72 10.01 -1.12
C PHE A 70 -9.06 9.32 -1.02
N LYS A 71 -9.94 9.62 -1.98
CA LYS A 71 -11.22 8.95 -2.14
C LYS A 71 -11.37 8.54 -3.61
N CYS A 72 -12.11 7.46 -3.83
CA CYS A 72 -12.48 7.05 -5.18
C CYS A 72 -13.37 8.13 -5.79
N GLY A 73 -13.09 8.49 -7.05
CA GLY A 73 -13.79 9.57 -7.73
C GLY A 73 -14.85 9.06 -8.69
N ALA A 74 -15.04 7.74 -8.73
CA ALA A 74 -15.93 7.10 -9.68
C ALA A 74 -17.32 6.88 -9.07
N HIS A 75 -17.38 6.78 -7.74
CA HIS A 75 -18.60 6.44 -7.05
C HIS A 75 -18.94 7.55 -6.05
N PRO A 76 -20.22 7.76 -5.67
CA PRO A 76 -20.58 8.77 -4.67
C PRO A 76 -20.11 8.28 -3.30
N THR A 77 -19.15 9.00 -2.71
CA THR A 77 -18.44 8.51 -1.55
C THR A 77 -19.18 8.90 -0.27
N SER A 78 -19.01 8.04 0.75
CA SER A 78 -19.31 8.40 2.14
C SER A 78 -18.27 9.41 2.63
N ASP A 79 -18.62 10.10 3.72
CA ASP A 79 -17.81 11.17 4.26
C ASP A 79 -16.55 10.58 4.91
N LYS A 80 -16.70 9.42 5.56
CA LYS A 80 -15.65 8.85 6.39
C LYS A 80 -14.68 8.00 5.58
N GLU A 81 -15.17 7.39 4.49
CA GLU A 81 -14.39 6.38 3.78
C GLU A 81 -13.21 7.02 3.05
N THR A 82 -12.15 6.21 2.87
CA THR A 82 -10.95 6.58 2.14
C THR A 82 -10.50 5.38 1.31
N SER A 83 -9.70 5.66 0.27
CA SER A 83 -9.08 4.61 -0.53
C SER A 83 -7.57 4.84 -0.59
N VAL A 84 -6.81 3.74 -0.65
CA VAL A 84 -5.36 3.79 -0.70
C VAL A 84 -4.92 4.34 -2.05
N ALA A 85 -3.95 5.25 -2.02
CA ALA A 85 -3.36 5.83 -3.22
C ALA A 85 -2.33 4.87 -3.78
N LEU A 86 -2.38 4.66 -5.10
CA LEU A 86 -1.44 3.78 -5.78
C LEU A 86 -0.53 4.64 -6.66
N HIS A 87 0.61 5.04 -6.10
CA HIS A 87 1.43 6.12 -6.64
C HIS A 87 2.12 5.71 -7.94
N LEU A 88 2.23 4.40 -8.19
CA LEU A 88 2.94 3.91 -9.37
C LEU A 88 2.07 4.07 -10.62
N ILE A 89 0.78 4.32 -10.43
CA ILE A 89 -0.18 4.32 -11.52
C ILE A 89 -0.36 5.76 -12.03
N ALA A 90 -0.53 5.88 -13.35
CA ALA A 90 -0.59 7.18 -14.00
C ALA A 90 -1.33 7.07 -15.33
N THR A 91 -2.03 8.15 -15.70
CA THR A 91 -2.62 8.28 -17.02
C THR A 91 -1.50 8.24 -18.06
N ASN A 92 -1.73 7.50 -19.15
CA ASN A 92 -0.74 7.29 -20.19
C ASN A 92 -0.92 8.35 -21.27
N SER A 93 -0.49 9.58 -20.98
CA SER A 93 -0.68 10.72 -21.86
C SER A 93 0.35 10.74 -22.99
N ARG A 94 1.47 10.02 -22.78
CA ARG A 94 2.56 9.98 -23.73
C ARG A 94 2.37 8.79 -24.69
N ASN A 95 1.31 8.01 -24.44
CA ASN A 95 0.95 6.86 -25.27
C ASN A 95 2.09 5.85 -25.34
N ILE A 96 2.68 5.52 -24.19
CA ILE A 96 3.74 4.53 -24.11
C ILE A 96 3.14 3.13 -24.23
N THR A 97 3.87 2.23 -24.90
CA THR A 97 3.44 0.85 -25.08
C THR A 97 3.72 0.04 -23.83
N CYS A 98 2.94 -1.03 -23.63
CA CYS A 98 3.09 -1.92 -22.49
C CYS A 98 4.23 -2.90 -22.76
N ILE A 99 4.99 -3.20 -21.71
CA ILE A 99 6.18 -4.04 -21.77
C ILE A 99 5.82 -5.48 -22.16
N THR A 100 4.55 -5.87 -21.93
CA THR A 100 4.13 -7.25 -22.16
C THR A 100 3.31 -7.37 -23.45
N CYS A 101 2.21 -6.60 -23.57
CA CYS A 101 1.26 -6.78 -24.66
C CYS A 101 1.56 -5.82 -25.82
N THR A 102 2.40 -4.81 -25.56
CA THR A 102 2.89 -3.84 -26.54
C THR A 102 1.79 -2.85 -26.97
N ASP A 103 0.58 -3.02 -26.43
CA ASP A 103 -0.53 -2.13 -26.75
C ASP A 103 -0.41 -0.84 -25.95
N VAL A 104 -1.05 0.23 -26.47
CA VAL A 104 -1.16 1.50 -25.77
C VAL A 104 -2.43 1.44 -24.91
N ARG A 105 -2.25 1.51 -23.59
CA ARG A 105 -3.37 1.42 -22.66
C ARG A 105 -3.25 2.54 -21.63
N SER A 106 -4.32 2.73 -20.85
CA SER A 106 -4.38 3.75 -19.80
C SER A 106 -5.46 3.36 -18.79
N PRO A 107 -5.21 3.50 -17.45
CA PRO A 107 -3.90 3.94 -16.93
C PRO A 107 -2.85 2.84 -16.98
N VAL A 108 -1.61 3.20 -16.65
CA VAL A 108 -0.50 2.25 -16.65
C VAL A 108 0.21 2.34 -15.29
N LEU A 109 0.90 1.26 -14.93
CA LEU A 109 1.78 1.26 -13.78
C LEU A 109 3.21 1.48 -14.28
N VAL A 110 3.91 2.41 -13.62
CA VAL A 110 5.29 2.69 -13.96
C VAL A 110 6.19 2.27 -12.81
N PHE A 111 7.07 1.31 -13.09
CA PHE A 111 8.02 0.80 -12.10
C PHE A 111 9.05 1.88 -11.78
N GLN A 112 9.66 1.78 -10.60
CA GLN A 112 10.60 2.78 -10.13
C GLN A 112 12.04 2.34 -10.42
N CYS A 113 12.20 1.51 -11.44
CA CYS A 113 13.51 1.16 -11.96
C CYS A 113 14.03 2.34 -12.78
N ASN A 114 15.33 2.29 -13.09
CA ASN A 114 15.98 3.36 -13.83
C ASN A 114 15.33 3.55 -15.20
N SER A 115 14.87 2.45 -15.80
CA SER A 115 14.25 2.49 -17.13
C SER A 115 12.82 3.04 -17.06
N ARG A 116 12.25 3.08 -15.84
CA ARG A 116 10.87 3.48 -15.60
C ARG A 116 9.95 2.70 -16.54
N HIS A 117 10.04 1.36 -16.46
CA HIS A 117 9.30 0.47 -17.35
C HIS A 117 7.80 0.62 -17.11
N VAL A 118 7.02 0.59 -18.20
CA VAL A 118 5.57 0.74 -18.08
C VAL A 118 4.88 -0.56 -18.48
N ILE A 119 3.81 -0.88 -17.74
CA ILE A 119 3.02 -2.09 -17.91
C ILE A 119 1.56 -1.72 -17.68
N CYS A 120 0.67 -2.26 -18.53
CA CYS A 120 -0.76 -2.06 -18.37
C CYS A 120 -1.26 -2.85 -17.16
N LEU A 121 -2.45 -2.50 -16.66
CA LEU A 121 -2.96 -3.09 -15.42
C LEU A 121 -3.31 -4.56 -15.64
N ASP A 122 -3.75 -4.89 -16.86
CA ASP A 122 -4.05 -6.26 -17.26
C ASP A 122 -2.79 -7.13 -17.18
N CYS A 123 -1.69 -6.62 -17.74
CA CYS A 123 -0.44 -7.37 -17.76
C CYS A 123 0.22 -7.39 -16.38
N PHE A 124 0.00 -6.34 -15.58
CA PHE A 124 0.53 -6.32 -14.23
C PHE A 124 -0.15 -7.39 -13.38
N HIS A 125 -1.47 -7.52 -13.58
CA HIS A 125 -2.27 -8.55 -12.92
C HIS A 125 -1.75 -9.94 -13.29
N LEU A 126 -1.44 -10.15 -14.58
CA LEU A 126 -0.94 -11.43 -15.05
C LEU A 126 0.39 -11.74 -14.38
N TYR A 127 1.29 -10.75 -14.37
CA TYR A 127 2.59 -10.85 -13.72
C TYR A 127 2.42 -11.31 -12.28
N CYS A 128 1.56 -10.59 -11.52
CA CYS A 128 1.34 -10.85 -10.12
C CYS A 128 0.80 -12.27 -9.91
N VAL A 129 -0.22 -12.64 -10.69
CA VAL A 129 -0.88 -13.93 -10.54
C VAL A 129 0.11 -15.06 -10.84
N THR A 130 0.85 -14.95 -11.94
CA THR A 130 1.80 -16.00 -12.32
C THR A 130 2.89 -16.15 -11.28
N ARG A 131 3.40 -15.02 -10.75
CA ARG A 131 4.51 -15.04 -9.82
C ARG A 131 4.05 -15.57 -8.46
N LEU A 132 2.80 -15.30 -8.09
CA LEU A 132 2.27 -15.73 -6.79
C LEU A 132 2.14 -17.26 -6.75
N ASN A 133 1.67 -17.84 -7.86
CA ASN A 133 1.50 -19.28 -7.98
C ASN A 133 2.85 -20.00 -7.99
N ASP A 134 3.84 -19.39 -8.65
CA ASP A 134 5.14 -20.01 -8.83
C ASP A 134 6.03 -19.78 -7.61
N ARG A 135 5.44 -19.21 -6.54
CA ARG A 135 6.14 -18.86 -5.32
C ARG A 135 7.36 -17.98 -5.64
N GLN A 136 7.17 -17.01 -6.53
CA GLN A 136 8.28 -16.21 -7.05
C GLN A 136 8.27 -14.80 -6.47
N PHE A 137 7.34 -14.54 -5.54
CA PHE A 137 7.36 -13.28 -4.80
C PHE A 137 8.59 -13.24 -3.90
N VAL A 138 9.11 -12.03 -3.68
CA VAL A 138 10.36 -11.82 -2.94
C VAL A 138 10.02 -11.42 -1.50
N HIS A 139 10.69 -12.05 -0.54
CA HIS A 139 10.58 -11.60 0.84
C HIS A 139 11.74 -10.70 1.21
N ASP A 140 11.42 -9.44 1.48
CA ASP A 140 12.40 -8.46 1.93
C ASP A 140 12.19 -8.23 3.41
N PRO A 141 13.27 -8.28 4.24
CA PRO A 141 13.15 -8.10 5.69
C PRO A 141 12.59 -6.73 6.09
N GLN A 142 12.63 -5.78 5.15
CA GLN A 142 12.14 -4.43 5.43
C GLN A 142 10.85 -4.16 4.64
N LEU A 143 10.82 -4.59 3.37
CA LEU A 143 9.76 -4.17 2.45
C LEU A 143 8.59 -5.15 2.46
N GLY A 144 8.80 -6.34 3.02
CA GLY A 144 7.78 -7.38 3.08
C GLY A 144 7.78 -8.27 1.84
N TYR A 145 6.58 -8.73 1.45
CA TYR A 145 6.41 -9.68 0.37
C TYR A 145 6.04 -8.91 -0.89
N SER A 146 6.95 -8.93 -1.89
CA SER A 146 6.83 -8.00 -2.99
C SER A 146 7.39 -8.56 -4.29
N LEU A 147 7.34 -7.74 -5.35
CA LEU A 147 7.89 -8.07 -6.66
C LEU A 147 8.67 -6.86 -7.17
N PRO A 148 9.76 -7.07 -7.95
CA PRO A 148 10.38 -5.98 -8.69
C PRO A 148 9.67 -5.76 -10.04
N CYS A 149 10.23 -4.86 -10.86
CA CYS A 149 9.92 -4.70 -12.27
C CYS A 149 10.01 -6.07 -12.97
N VAL A 150 9.08 -6.30 -13.91
CA VAL A 150 8.99 -7.53 -14.70
C VAL A 150 10.35 -7.89 -15.27
N ALA A 151 11.08 -6.88 -15.75
CA ALA A 151 12.33 -7.07 -16.47
C ALA A 151 13.49 -7.36 -15.51
N GLY A 152 13.22 -7.26 -14.19
CA GLY A 152 14.17 -7.68 -13.17
C GLY A 152 15.18 -6.60 -12.80
N CYS A 153 14.92 -5.35 -13.24
CA CYS A 153 15.78 -4.22 -12.97
C CYS A 153 16.10 -4.14 -11.47
N PRO A 154 17.35 -3.79 -11.09
CA PRO A 154 17.70 -3.65 -9.67
C PRO A 154 17.04 -2.43 -9.01
N ASN A 155 16.82 -2.53 -7.69
CA ASN A 155 16.21 -1.49 -6.88
C ASN A 155 14.86 -1.09 -7.44
N SER A 156 13.98 -2.09 -7.66
CA SER A 156 12.68 -1.83 -8.28
C SER A 156 11.56 -2.53 -7.51
N LEU A 157 11.88 -3.12 -6.35
CA LEU A 157 10.89 -3.79 -5.52
C LEU A 157 9.81 -2.79 -5.12
N ILE A 158 8.54 -3.19 -5.30
CA ILE A 158 7.40 -2.37 -4.94
C ILE A 158 7.38 -2.19 -3.42
N LYS A 159 7.29 -0.93 -2.98
CA LYS A 159 7.28 -0.60 -1.57
C LYS A 159 5.84 -0.49 -1.05
N GLU A 160 4.96 0.13 -1.84
CA GLU A 160 3.57 0.25 -1.45
C GLU A 160 2.83 -1.03 -1.85
N LEU A 161 2.67 -1.92 -0.87
CA LEU A 161 2.24 -3.28 -1.11
C LEU A 161 0.76 -3.36 -1.49
N HIS A 162 0.02 -2.25 -1.26
CA HIS A 162 -1.38 -2.16 -1.65
C HIS A 162 -1.55 -2.21 -3.16
N HIS A 163 -0.44 -2.09 -3.90
CA HIS A 163 -0.47 -2.27 -5.35
C HIS A 163 -0.94 -3.67 -5.68
N PHE A 164 -0.73 -4.61 -4.75
CA PHE A 164 -1.04 -6.01 -4.98
C PHE A 164 -2.54 -6.28 -4.82
N ARG A 165 -3.32 -5.24 -4.49
CA ARG A 165 -4.77 -5.38 -4.41
C ARG A 165 -5.36 -5.64 -5.79
N ILE A 166 -4.57 -5.33 -6.84
CA ILE A 166 -4.97 -5.52 -8.23
C ILE A 166 -5.20 -7.00 -8.50
N LEU A 167 -4.72 -7.86 -7.59
CA LEU A 167 -4.94 -9.31 -7.61
C LEU A 167 -6.43 -9.64 -7.46
N GLY A 168 -7.19 -8.75 -6.81
CA GLY A 168 -8.56 -9.04 -6.39
C GLY A 168 -8.60 -9.57 -4.96
N GLU A 169 -9.78 -9.51 -4.34
CA GLU A 169 -9.94 -9.72 -2.91
C GLU A 169 -9.37 -11.08 -2.46
N GLU A 170 -9.78 -12.17 -3.11
CA GLU A 170 -9.37 -13.50 -2.70
C GLU A 170 -7.87 -13.71 -2.93
N GLN A 171 -7.37 -13.27 -4.09
CA GLN A 171 -5.96 -13.44 -4.42
C GLN A 171 -5.08 -12.58 -3.52
N TYR A 172 -5.59 -11.40 -3.12
CA TYR A 172 -4.88 -10.52 -2.20
C TYR A 172 -4.73 -11.21 -0.84
N ASN A 173 -5.81 -11.81 -0.35
CA ASN A 173 -5.80 -12.59 0.88
C ASN A 173 -4.76 -13.71 0.77
N ARG A 174 -4.71 -14.36 -0.40
CA ARG A 174 -3.76 -15.43 -0.66
C ARG A 174 -2.32 -14.90 -0.63
N TYR A 175 -2.13 -13.70 -1.20
CA TYR A 175 -0.85 -13.02 -1.21
C TYR A 175 -0.39 -12.71 0.21
N GLN A 176 -1.32 -12.33 1.09
CA GLN A 176 -1.01 -11.93 2.45
C GLN A 176 -0.73 -13.14 3.33
N GLN A 177 -1.43 -14.25 3.06
CA GLN A 177 -1.21 -15.51 3.75
C GLN A 177 0.19 -16.02 3.40
N TYR A 178 0.56 -15.94 2.12
CA TYR A 178 1.85 -16.44 1.65
C TYR A 178 2.97 -15.58 2.24
N GLY A 179 2.72 -14.26 2.33
CA GLY A 179 3.67 -13.33 2.90
C GLY A 179 3.97 -13.66 4.37
N ALA A 180 2.93 -13.95 5.14
CA ALA A 180 3.06 -14.30 6.55
C ALA A 180 3.78 -15.64 6.68
N GLU A 181 3.43 -16.59 5.80
CA GLU A 181 4.05 -17.90 5.77
C GLU A 181 5.55 -17.77 5.48
N GLU A 182 5.89 -16.96 4.46
CA GLU A 182 7.28 -16.76 4.09
C GLU A 182 8.03 -16.03 5.20
N CYS A 183 7.33 -15.10 5.88
CA CYS A 183 7.90 -14.34 6.98
C CYS A 183 8.27 -15.28 8.13
N VAL A 184 7.41 -16.26 8.42
CA VAL A 184 7.62 -17.25 9.47
C VAL A 184 8.86 -18.08 9.16
N LEU A 185 8.97 -18.54 7.90
CA LEU A 185 10.08 -19.38 7.48
C LEU A 185 11.38 -18.59 7.56
N GLN A 186 11.30 -17.28 7.26
CA GLN A 186 12.47 -16.41 7.29
C GLN A 186 12.87 -16.11 8.74
N MET A 187 11.94 -16.33 9.68
CA MET A 187 12.20 -16.10 11.09
C MET A 187 12.73 -17.37 11.74
N GLY A 188 12.93 -18.42 10.93
CA GLY A 188 13.48 -19.69 11.39
C GLY A 188 12.41 -20.66 11.89
N GLY A 189 11.13 -20.30 11.68
CA GLY A 189 10.01 -21.10 12.13
C GLY A 189 9.59 -22.16 11.10
N VAL A 190 8.43 -22.78 11.34
CA VAL A 190 7.93 -23.84 10.47
C VAL A 190 6.40 -23.77 10.40
N LEU A 191 5.86 -24.34 9.32
CA LEU A 191 4.42 -24.46 9.13
C LEU A 191 3.98 -25.87 9.46
N CYS A 192 2.93 -25.97 10.29
CA CYS A 192 2.31 -27.25 10.64
C CYS A 192 1.92 -27.98 9.37
N PRO A 193 2.31 -29.27 9.23
CA PRO A 193 2.09 -30.01 7.99
C PRO A 193 0.74 -30.71 7.88
N ARG A 194 -0.06 -30.65 8.97
CA ARG A 194 -1.37 -31.28 9.01
C ARG A 194 -2.29 -30.59 8.01
N PRO A 195 -2.92 -31.34 7.07
CA PRO A 195 -3.85 -30.76 6.11
C PRO A 195 -5.06 -30.10 6.80
N GLY A 196 -5.29 -28.83 6.46
CA GLY A 196 -6.40 -28.06 7.00
C GLY A 196 -5.99 -27.19 8.18
N CYS A 197 -4.69 -27.22 8.50
CA CYS A 197 -4.14 -26.43 9.59
C CYS A 197 -3.29 -25.30 9.01
N GLY A 198 -2.02 -25.62 8.71
CA GLY A 198 -1.07 -24.67 8.14
C GLY A 198 -0.70 -23.56 9.11
N ALA A 199 -0.64 -23.90 10.41
CA ALA A 199 -0.35 -22.95 11.47
C ALA A 199 1.09 -22.46 11.36
N GLY A 200 1.31 -21.21 11.77
CA GLY A 200 2.64 -20.62 11.86
C GLY A 200 3.21 -20.79 13.27
N LEU A 201 4.29 -21.56 13.37
CA LEU A 201 4.87 -21.91 14.66
C LEU A 201 6.32 -21.46 14.69
N LEU A 202 6.71 -20.84 15.81
CA LEU A 202 8.08 -20.42 16.02
C LEU A 202 8.69 -21.26 17.13
N PRO A 203 9.24 -22.46 16.82
CA PRO A 203 9.99 -23.24 17.80
C PRO A 203 11.46 -22.80 17.81
N GLU A 204 12.21 -23.35 18.76
CA GLU A 204 13.63 -23.04 18.89
C GLU A 204 14.43 -24.02 18.02
N PRO A 205 15.70 -23.72 17.67
CA PRO A 205 16.55 -24.69 16.97
C PRO A 205 17.03 -25.81 17.89
N ASP A 206 16.86 -25.60 19.20
CA ASP A 206 17.13 -26.61 20.22
C ASP A 206 16.09 -27.72 20.10
N GLN A 207 14.82 -27.35 20.34
CA GLN A 207 13.71 -28.29 20.29
C GLN A 207 13.28 -28.50 18.85
N ARG A 208 13.49 -29.73 18.36
CA ARG A 208 12.97 -30.14 17.06
C ARG A 208 11.73 -31.01 17.29
N LYS A 209 11.13 -30.83 18.48
CA LYS A 209 9.88 -31.45 18.88
C LYS A 209 8.78 -30.39 18.81
N VAL A 210 8.16 -30.27 17.63
CA VAL A 210 7.22 -29.19 17.37
C VAL A 210 5.80 -29.69 17.62
N THR A 211 5.12 -29.04 18.57
CA THR A 211 3.71 -29.30 18.84
C THR A 211 2.90 -28.07 18.40
N CYS A 212 1.86 -28.32 17.60
CA CYS A 212 0.98 -27.28 17.10
C CYS A 212 0.14 -26.74 18.25
N GLU A 213 0.74 -25.86 19.05
CA GLU A 213 0.13 -25.36 20.26
C GLU A 213 -0.90 -24.28 19.92
N GLY A 214 -1.94 -24.21 20.74
CA GLY A 214 -2.98 -23.19 20.59
C GLY A 214 -4.38 -23.79 20.58
N GLY A 215 -5.31 -23.12 21.25
CA GLY A 215 -6.68 -23.58 21.38
C GLY A 215 -7.67 -22.70 20.62
N ASN A 216 -8.94 -23.16 20.59
CA ASN A 216 -10.07 -22.51 19.93
C ASN A 216 -9.74 -22.13 18.49
N GLY A 217 -8.93 -22.96 17.82
CA GLY A 217 -8.69 -22.85 16.39
C GLY A 217 -7.32 -22.27 16.05
N LEU A 218 -6.46 -22.13 17.05
CA LEU A 218 -5.14 -21.55 16.88
C LEU A 218 -4.14 -22.64 16.50
N GLY A 219 -4.27 -23.82 17.14
CA GLY A 219 -3.47 -24.98 16.82
C GLY A 219 -4.34 -26.23 16.65
N CYS A 220 -3.73 -27.33 16.19
CA CYS A 220 -4.45 -28.58 16.02
C CYS A 220 -3.96 -29.62 17.04
N GLY A 221 -2.70 -29.49 17.46
CA GLY A 221 -2.15 -30.33 18.52
C GLY A 221 -1.19 -31.40 18.01
N PHE A 222 -1.05 -31.49 16.68
CA PHE A 222 -0.17 -32.44 16.04
C PHE A 222 1.27 -32.20 16.49
N ALA A 223 1.96 -33.28 16.86
CA ALA A 223 3.37 -33.24 17.20
C ALA A 223 4.18 -33.82 16.04
N PHE A 224 5.11 -33.02 15.53
CA PHE A 224 5.86 -33.41 14.34
C PHE A 224 7.34 -33.12 14.49
N CYS A 225 8.12 -33.75 13.60
CA CYS A 225 9.56 -33.55 13.48
C CYS A 225 9.83 -32.62 12.29
N ARG A 226 10.80 -31.72 12.47
CA ARG A 226 11.02 -30.60 11.57
C ARG A 226 11.44 -31.08 10.18
N GLU A 227 12.27 -32.13 10.14
CA GLU A 227 12.89 -32.58 8.91
C GLU A 227 11.85 -33.23 7.99
N CYS A 228 11.27 -34.35 8.45
CA CYS A 228 10.39 -35.17 7.63
C CYS A 228 9.04 -34.46 7.44
N LYS A 229 8.61 -33.74 8.49
CA LYS A 229 7.28 -33.15 8.58
C LYS A 229 6.25 -34.25 8.81
N GLU A 230 6.69 -35.34 9.45
CA GLU A 230 5.82 -36.42 9.89
C GLU A 230 5.81 -36.45 11.43
N ALA A 231 5.02 -37.37 11.99
CA ALA A 231 4.85 -37.54 13.43
C ALA A 231 6.22 -37.70 14.10
N TYR A 232 6.36 -37.08 15.28
CA TYR A 232 7.64 -36.95 15.97
C TYR A 232 8.41 -38.26 15.91
N HIS A 233 9.54 -38.24 15.18
CA HIS A 233 10.39 -39.40 15.00
C HIS A 233 11.24 -39.63 16.25
N GLU A 234 11.99 -40.73 16.25
CA GLU A 234 12.88 -41.08 17.35
C GLU A 234 14.34 -40.94 16.90
N GLY A 235 15.03 -39.96 17.49
CA GLY A 235 16.45 -39.71 17.21
C GLY A 235 16.65 -39.06 15.86
N GLU A 236 16.87 -39.90 14.83
CA GLU A 236 17.05 -39.46 13.45
C GLU A 236 16.54 -40.55 12.51
N CYS A 237 15.38 -40.30 11.91
CA CYS A 237 14.72 -41.25 11.03
C CYS A 237 14.52 -40.63 9.66
N SER A 238 14.81 -41.42 8.62
CA SER A 238 14.78 -40.96 7.23
C SER A 238 13.36 -41.05 6.67
N ALA A 239 12.82 -42.28 6.63
CA ALA A 239 11.52 -42.58 6.05
C ALA A 239 11.45 -42.02 4.63
N ARG A 252 10.33 -14.03 -18.74
CA ARG A 252 10.64 -13.83 -20.18
C ARG A 252 10.06 -12.51 -20.66
N VAL A 253 10.95 -11.54 -20.92
CA VAL A 253 10.58 -10.20 -21.34
C VAL A 253 11.23 -9.92 -22.69
N ASP A 254 10.40 -9.52 -23.67
CA ASP A 254 10.86 -9.16 -24.99
C ASP A 254 11.71 -7.89 -24.91
N GLU A 255 12.87 -7.91 -25.57
CA GLU A 255 13.88 -6.86 -25.49
C GLU A 255 13.36 -5.56 -26.10
N ARG A 256 12.72 -5.66 -27.27
CA ARG A 256 12.24 -4.50 -28.01
C ARG A 256 11.01 -3.92 -27.31
N ALA A 257 10.17 -4.78 -26.75
CA ALA A 257 9.00 -4.37 -25.99
C ALA A 257 9.43 -3.57 -24.76
N ALA A 258 10.48 -4.05 -24.08
CA ALA A 258 11.02 -3.40 -22.89
C ALA A 258 11.57 -2.02 -23.24
N GLU A 259 12.27 -1.94 -24.38
CA GLU A 259 12.92 -0.70 -24.81
C GLU A 259 11.88 0.39 -25.08
N GLN A 260 10.77 -0.01 -25.70
CA GLN A 260 9.70 0.92 -26.07
C GLN A 260 8.88 1.31 -24.85
N ALA A 261 8.79 0.40 -23.86
CA ALA A 261 7.97 0.63 -22.68
C ALA A 261 8.78 1.34 -21.60
N ARG A 262 9.24 2.55 -21.92
CA ARG A 262 9.99 3.37 -20.98
C ARG A 262 9.31 4.74 -20.89
N TRP A 263 9.02 5.16 -19.65
CA TRP A 263 8.20 6.32 -19.36
C TRP A 263 8.83 7.60 -19.94
N GLU A 264 10.14 7.74 -19.78
CA GLU A 264 10.85 8.97 -20.06
C GLU A 264 11.49 8.93 -21.44
N ALA A 265 12.03 7.76 -21.82
CA ALA A 265 12.82 7.63 -23.03
C ALA A 265 11.96 7.16 -24.21
N ALA A 266 10.75 7.75 -24.32
CA ALA A 266 9.86 7.48 -25.45
C ALA A 266 8.83 8.60 -25.59
N THR A 274 8.86 23.50 -20.19
CA THR A 274 9.68 24.28 -19.23
C THR A 274 8.81 25.37 -18.59
N THR A 275 8.53 26.43 -19.36
CA THR A 275 7.71 27.55 -18.89
C THR A 275 6.37 27.52 -19.61
N LYS A 276 5.45 28.40 -19.17
CA LYS A 276 4.13 28.53 -19.76
C LYS A 276 3.61 29.93 -19.51
N PRO A 277 2.89 30.54 -20.48
CA PRO A 277 2.35 31.90 -20.31
C PRO A 277 1.06 31.97 -19.50
N CYS A 278 0.94 33.03 -18.71
CA CYS A 278 -0.26 33.36 -17.95
C CYS A 278 -1.44 33.50 -18.92
N PRO A 279 -2.61 32.88 -18.64
CA PRO A 279 -3.76 32.93 -19.55
C PRO A 279 -4.38 34.32 -19.68
N ARG A 280 -4.00 35.24 -18.79
CA ARG A 280 -4.61 36.56 -18.78
C ARG A 280 -3.63 37.62 -19.31
N CYS A 281 -2.35 37.50 -18.96
CA CYS A 281 -1.38 38.53 -19.29
C CYS A 281 -0.22 38.00 -20.12
N HIS A 282 -0.27 36.71 -20.45
CA HIS A 282 0.63 36.06 -21.39
C HIS A 282 2.10 36.23 -20.99
N VAL A 283 2.33 36.72 -19.78
CA VAL A 283 3.67 36.83 -19.22
C VAL A 283 4.08 35.45 -18.70
N PRO A 284 5.24 34.90 -19.11
CA PRO A 284 5.62 33.52 -18.77
C PRO A 284 5.81 33.30 -17.27
N VAL A 285 5.22 32.21 -16.77
CA VAL A 285 5.38 31.78 -15.38
C VAL A 285 6.10 30.44 -15.39
N GLU A 286 7.03 30.27 -14.43
CA GLU A 286 7.75 29.02 -14.26
C GLU A 286 7.04 28.18 -13.20
N LYS A 287 7.02 26.86 -13.42
CA LYS A 287 6.31 25.93 -12.56
C LYS A 287 7.11 25.70 -11.28
N ASN A 288 6.39 25.38 -10.20
CA ASN A 288 7.00 25.07 -8.92
C ASN A 288 6.88 23.57 -8.66
N GLY A 289 7.88 22.82 -9.15
CA GLY A 289 7.91 21.38 -9.01
C GLY A 289 6.84 20.69 -9.85
N GLY A 290 5.85 20.10 -9.16
CA GLY A 290 4.75 19.43 -9.84
C GLY A 290 3.41 20.11 -9.57
N CYS A 291 3.43 21.09 -8.66
CA CYS A 291 2.21 21.79 -8.25
C CYS A 291 1.62 22.54 -9.44
N MET A 292 0.31 22.38 -9.63
CA MET A 292 -0.41 22.94 -10.76
C MET A 292 -1.04 24.27 -10.36
N HIS A 293 -0.89 24.64 -9.08
CA HIS A 293 -1.35 25.94 -8.61
C HIS A 293 -0.34 27.00 -9.01
N MET A 294 -0.74 27.86 -9.96
CA MET A 294 0.12 28.89 -10.52
C MET A 294 -0.37 30.26 -10.09
N LYS A 295 0.55 31.10 -9.62
CA LYS A 295 0.26 32.48 -9.29
C LYS A 295 1.17 33.38 -10.13
N CYS A 296 0.55 34.31 -10.87
CA CYS A 296 1.22 35.17 -11.82
C CYS A 296 2.04 36.23 -11.07
N PRO A 297 3.36 36.32 -11.31
CA PRO A 297 4.19 37.37 -10.71
C PRO A 297 4.13 38.67 -11.51
N GLN A 298 2.91 39.21 -11.64
CA GLN A 298 2.67 40.48 -12.31
C GLN A 298 1.59 41.23 -11.54
N PRO A 299 1.95 42.33 -10.84
CA PRO A 299 1.07 42.99 -9.87
C PRO A 299 -0.33 43.41 -10.33
N GLN A 300 -0.50 43.62 -11.64
CA GLN A 300 -1.75 44.12 -12.18
C GLN A 300 -2.72 42.97 -12.47
N CYS A 301 -2.19 41.75 -12.58
CA CYS A 301 -2.99 40.59 -12.93
C CYS A 301 -2.98 39.59 -11.77
N ARG A 302 -1.80 39.02 -11.46
CA ARG A 302 -1.58 38.11 -10.34
C ARG A 302 -2.64 37.00 -10.33
N LEU A 303 -3.00 36.49 -11.51
CA LEU A 303 -4.04 35.48 -11.62
C LEU A 303 -3.55 34.17 -10.99
N GLU A 304 -4.48 33.47 -10.34
CA GLU A 304 -4.24 32.13 -9.81
C GLU A 304 -4.90 31.11 -10.75
N TRP A 305 -4.07 30.28 -11.40
CA TRP A 305 -4.53 29.44 -12.50
C TRP A 305 -3.88 28.05 -12.44
N CYS A 306 -4.46 27.12 -13.20
CA CYS A 306 -3.98 25.74 -13.30
C CYS A 306 -3.08 25.60 -14.53
N TRP A 307 -1.86 25.09 -14.30
CA TRP A 307 -0.85 24.86 -15.32
C TRP A 307 -1.39 23.96 -16.43
N ASN A 308 -2.33 23.08 -16.07
CA ASN A 308 -2.85 22.07 -16.98
C ASN A 308 -4.02 22.63 -17.78
N CYS A 309 -5.00 23.21 -17.09
CA CYS A 309 -6.29 23.52 -17.70
C CYS A 309 -6.30 24.94 -18.27
N GLY A 310 -5.60 25.85 -17.59
CA GLY A 310 -5.56 27.25 -17.99
C GLY A 310 -6.81 28.01 -17.55
N CYS A 311 -7.59 27.40 -16.65
CA CYS A 311 -8.72 28.07 -16.01
C CYS A 311 -8.25 28.69 -14.70
N GLU A 312 -9.16 29.41 -14.02
CA GLU A 312 -8.87 29.96 -12.71
C GLU A 312 -8.88 28.83 -11.69
N TRP A 313 -7.92 28.88 -10.75
CA TRP A 313 -7.74 27.83 -9.76
C TRP A 313 -9.04 27.59 -8.98
N ASN A 314 -9.39 26.31 -8.87
CA ASN A 314 -10.66 25.88 -8.30
C ASN A 314 -10.44 24.56 -7.54
N ARG A 315 -11.52 24.06 -6.91
CA ARG A 315 -11.47 22.91 -6.03
C ARG A 315 -11.45 21.61 -6.83
N VAL A 316 -11.92 21.66 -8.08
CA VAL A 316 -11.98 20.49 -8.95
C VAL A 316 -10.56 20.15 -9.42
N CYS A 317 -9.79 21.18 -9.76
CA CYS A 317 -8.40 21.02 -10.19
C CYS A 317 -7.56 20.48 -9.04
N MET A 318 -7.87 20.92 -7.81
CA MET A 318 -7.19 20.49 -6.59
C MET A 318 -7.37 18.99 -6.38
N GLY A 319 -8.63 18.53 -6.42
CA GLY A 319 -8.97 17.13 -6.20
C GLY A 319 -8.43 16.21 -7.28
N ASP A 320 -8.36 16.71 -8.53
CA ASP A 320 -8.08 15.89 -9.69
C ASP A 320 -6.58 15.87 -10.00
N HIS A 321 -5.92 17.02 -9.88
CA HIS A 321 -4.54 17.15 -10.32
C HIS A 321 -3.84 18.32 -9.60
N TRP A 322 -3.90 18.32 -8.27
CA TRP A 322 -3.23 19.32 -7.45
C TRP A 322 -1.76 19.41 -7.86
N PHE A 323 -1.15 18.25 -8.11
CA PHE A 323 0.19 18.12 -8.65
C PHE A 323 0.19 17.00 -9.69
N ASP A 324 1.30 16.86 -10.45
CA ASP A 324 1.43 15.77 -11.42
C ASP A 324 2.87 15.26 -11.45
N VAL A 325 3.08 14.21 -12.27
CA VAL A 325 4.33 13.50 -12.46
C VAL A 325 5.49 14.12 -11.66
N SER B 1 -12.42 3.35 15.73
CA SER B 1 -12.89 4.14 14.56
C SER B 1 -12.57 3.41 13.26
N MET B 2 -11.75 2.35 13.35
CA MET B 2 -11.41 1.54 12.20
C MET B 2 -11.45 0.07 12.60
N LEU B 3 -12.21 -0.73 11.83
CA LEU B 3 -12.28 -2.16 12.08
C LEU B 3 -11.21 -2.87 11.25
N ILE B 4 -10.47 -3.76 11.90
CA ILE B 4 -9.48 -4.61 11.25
C ILE B 4 -9.71 -6.04 11.72
N LYS B 5 -9.15 -7.00 10.96
CA LYS B 5 -9.22 -8.40 11.30
C LYS B 5 -7.82 -8.89 11.65
N VAL B 6 -7.74 -9.71 12.70
CA VAL B 6 -6.51 -10.39 13.08
C VAL B 6 -6.72 -11.87 12.81
N LYS B 7 -5.88 -12.42 11.92
CA LYS B 7 -6.11 -13.74 11.36
C LYS B 7 -4.89 -14.62 11.62
N THR B 8 -5.13 -15.82 12.17
CA THR B 8 -4.10 -16.84 12.28
C THR B 8 -3.93 -17.52 10.93
N LEU B 9 -2.80 -18.20 10.74
CA LEU B 9 -2.55 -18.92 9.51
C LEU B 9 -3.54 -20.08 9.35
N THR B 10 -4.16 -20.48 10.47
CA THR B 10 -5.14 -21.55 10.49
C THR B 10 -6.46 -21.08 9.88
N GLY B 11 -6.70 -19.76 9.94
CA GLY B 11 -7.85 -19.15 9.31
C GLY B 11 -8.87 -18.60 10.31
N LYS B 12 -8.51 -18.63 11.60
CA LYS B 12 -9.32 -18.06 12.67
C LYS B 12 -9.20 -16.53 12.60
N GLU B 13 -10.36 -15.86 12.47
CA GLU B 13 -10.41 -14.41 12.37
C GLU B 13 -10.92 -13.80 13.67
N ILE B 14 -10.26 -12.71 14.09
CA ILE B 14 -10.64 -11.95 15.26
C ILE B 14 -10.84 -10.51 14.81
N GLU B 15 -12.08 -10.01 14.93
CA GLU B 15 -12.40 -8.66 14.54
C GLU B 15 -12.11 -7.72 15.72
N ILE B 16 -11.43 -6.60 15.43
CA ILE B 16 -10.98 -5.66 16.44
C ILE B 16 -11.16 -4.24 15.90
N ASP B 17 -11.64 -3.35 16.78
CA ASP B 17 -11.75 -1.94 16.50
C ASP B 17 -10.49 -1.24 17.02
N ILE B 18 -9.90 -0.36 16.20
CA ILE B 18 -8.68 0.34 16.56
C ILE B 18 -8.76 1.80 16.11
N GLU B 19 -7.93 2.64 16.73
CA GLU B 19 -7.63 3.96 16.21
C GLU B 19 -6.39 3.85 15.33
N PRO B 20 -6.37 4.48 14.12
CA PRO B 20 -5.22 4.40 13.24
C PRO B 20 -3.93 4.92 13.88
N THR B 21 -4.07 5.72 14.94
CA THR B 21 -2.95 6.30 15.66
C THR B 21 -2.49 5.39 16.80
N ASP B 22 -3.23 4.29 17.03
CA ASP B 22 -2.86 3.30 18.03
C ASP B 22 -1.56 2.62 17.63
N LYS B 23 -0.75 2.30 18.64
CA LYS B 23 0.48 1.55 18.43
C LYS B 23 0.14 0.09 18.25
N VAL B 24 1.04 -0.65 17.59
CA VAL B 24 0.85 -2.06 17.31
C VAL B 24 0.75 -2.84 18.63
N GLU B 25 1.36 -2.30 19.68
CA GLU B 25 1.34 -2.93 21.00
C GLU B 25 -0.09 -2.91 21.56
N ARG B 26 -0.83 -1.83 21.28
CA ARG B 26 -2.21 -1.68 21.72
C ARG B 26 -3.10 -2.69 21.00
N ILE B 27 -2.75 -3.03 19.74
CA ILE B 27 -3.46 -4.03 18.98
C ILE B 27 -3.31 -5.38 19.67
N LYS B 28 -2.08 -5.68 20.13
CA LYS B 28 -1.78 -6.94 20.78
C LYS B 28 -2.53 -7.07 22.10
N GLU B 29 -2.76 -5.92 22.76
CA GLU B 29 -3.47 -5.90 24.04
C GLU B 29 -4.94 -6.26 23.82
N ARG B 30 -5.50 -5.80 22.68
CA ARG B 30 -6.88 -6.05 22.34
C ARG B 30 -7.09 -7.53 22.01
N VAL B 31 -6.06 -8.16 21.44
CA VAL B 31 -6.07 -9.59 21.13
C VAL B 31 -6.10 -10.38 22.44
N GLU B 32 -5.36 -9.90 23.44
CA GLU B 32 -5.33 -10.52 24.76
C GLU B 32 -6.70 -10.41 25.40
N GLU B 33 -7.33 -9.23 25.26
CA GLU B 33 -8.56 -8.88 25.94
C GLU B 33 -9.74 -9.68 25.40
N LYS B 34 -9.52 -10.53 24.39
CA LYS B 34 -10.63 -11.26 23.80
C LYS B 34 -10.24 -12.67 23.36
N GLU B 35 -8.93 -12.99 23.41
CA GLU B 35 -8.47 -14.33 23.07
C GLU B 35 -7.54 -14.87 24.15
N GLY B 36 -7.09 -13.97 25.04
CA GLY B 36 -6.32 -14.37 26.21
C GLY B 36 -4.88 -14.74 25.90
N ILE B 37 -4.45 -14.46 24.66
CA ILE B 37 -3.06 -14.69 24.27
C ILE B 37 -2.22 -13.55 24.84
N PRO B 38 -1.18 -13.85 25.65
CA PRO B 38 -0.30 -12.81 26.18
C PRO B 38 0.46 -12.10 25.06
N PRO B 39 0.46 -10.75 25.02
CA PRO B 39 1.13 -9.99 23.97
C PRO B 39 2.53 -10.47 23.59
N GLN B 40 3.24 -11.06 24.56
CA GLN B 40 4.64 -11.43 24.42
C GLN B 40 4.78 -12.65 23.50
N GLN B 41 3.66 -13.34 23.26
CA GLN B 41 3.66 -14.54 22.43
C GLN B 41 3.07 -14.22 21.05
N GLN B 42 2.65 -12.95 20.88
CA GLN B 42 2.01 -12.52 19.64
C GLN B 42 3.06 -11.95 18.68
N ARG B 43 3.04 -12.44 17.44
CA ARG B 43 3.78 -11.82 16.35
C ARG B 43 2.79 -11.43 15.25
N LEU B 44 2.65 -10.12 15.02
CA LEU B 44 1.76 -9.59 13.99
C LEU B 44 2.55 -9.35 12.71
N ILE B 45 1.99 -9.79 11.58
CA ILE B 45 2.59 -9.65 10.27
C ILE B 45 1.56 -9.03 9.32
N TYR B 46 1.96 -7.95 8.64
CA TYR B 46 1.13 -7.33 7.62
C TYR B 46 1.84 -7.39 6.27
N SER B 47 1.19 -8.08 5.31
CA SER B 47 1.69 -8.22 3.95
C SER B 47 3.16 -8.67 3.95
N GLY B 48 3.48 -9.61 4.85
CA GLY B 48 4.81 -10.19 4.92
C GLY B 48 5.77 -9.42 5.82
N LYS B 49 5.37 -8.21 6.26
CA LYS B 49 6.20 -7.38 7.11
C LYS B 49 5.86 -7.63 8.57
N GLN B 50 6.88 -8.01 9.36
CA GLN B 50 6.70 -8.07 10.80
C GLN B 50 6.53 -6.65 11.33
N MET B 51 5.50 -6.47 12.18
CA MET B 51 5.12 -5.13 12.60
C MET B 51 5.89 -4.76 13.87
N ASN B 52 6.22 -3.47 13.97
CA ASN B 52 6.94 -2.87 15.08
C ASN B 52 5.93 -2.39 16.12
N ASP B 53 6.11 -2.83 17.37
CA ASP B 53 5.19 -2.55 18.46
C ASP B 53 5.07 -1.05 18.71
N GLU B 54 6.09 -0.28 18.33
CA GLU B 54 6.13 1.16 18.60
C GLU B 54 5.64 1.95 17.40
N LYS B 55 5.37 1.28 16.27
CA LYS B 55 4.81 1.95 15.11
C LYS B 55 3.28 1.85 15.15
N THR B 56 2.62 2.62 14.29
CA THR B 56 1.15 2.69 14.26
C THR B 56 0.62 1.97 13.03
N ALA B 57 -0.68 1.68 13.04
CA ALA B 57 -1.36 1.04 11.93
C ALA B 57 -1.33 1.97 10.71
N ALA B 58 -1.30 3.28 10.98
CA ALA B 58 -1.28 4.31 9.94
C ALA B 58 0.08 4.32 9.23
N ASP B 59 1.12 3.80 9.89
CA ASP B 59 2.45 3.72 9.31
C ASP B 59 2.48 2.65 8.23
N TYR B 60 1.56 1.69 8.31
CA TYR B 60 1.48 0.60 7.35
C TYR B 60 0.38 0.89 6.34
N LYS B 61 -0.33 2.01 6.55
CA LYS B 61 -1.41 2.48 5.69
C LYS B 61 -2.52 1.43 5.62
N ILE B 62 -2.72 0.70 6.73
CA ILE B 62 -3.80 -0.25 6.90
C ILE B 62 -5.12 0.51 6.87
N LEU B 63 -6.08 0.00 6.10
CA LEU B 63 -7.40 0.60 6.02
C LEU B 63 -8.44 -0.35 6.64
N GLY B 64 -9.63 0.18 6.87
CA GLY B 64 -10.73 -0.57 7.47
C GLY B 64 -11.00 -1.86 6.70
N GLY B 65 -11.06 -2.98 7.44
CA GLY B 65 -11.39 -4.28 6.87
C GLY B 65 -10.15 -5.12 6.56
N SEP B 66 -8.96 -4.54 6.73
CA SEP B 66 -7.74 -5.22 6.33
CB SEP B 66 -6.66 -4.22 5.94
OG SEP B 66 -7.03 -3.68 4.64
C SEP B 66 -7.28 -6.20 7.40
O SEP B 66 -7.75 -6.18 8.54
P SEP B 66 -5.87 -3.36 3.57
O1P SEP B 66 -5.02 -4.61 3.43
O2P SEP B 66 -6.60 -3.02 2.28
O3P SEP B 66 -5.12 -2.18 4.16
N VAL B 67 -6.35 -7.07 7.00
CA VAL B 67 -5.99 -8.26 7.75
C VAL B 67 -4.55 -8.16 8.22
N LEU B 68 -4.35 -8.40 9.53
CA LEU B 68 -3.04 -8.64 10.11
C LEU B 68 -2.95 -10.12 10.47
N HIS B 69 -1.80 -10.74 10.19
CA HIS B 69 -1.60 -12.14 10.49
C HIS B 69 -0.92 -12.30 11.85
N LEU B 70 -1.46 -13.25 12.63
CA LEU B 70 -0.98 -13.54 13.98
C LEU B 70 -0.29 -14.89 13.98
N VAL B 71 0.90 -14.93 14.58
CA VAL B 71 1.70 -16.14 14.71
C VAL B 71 2.15 -16.24 16.16
N LEU B 72 2.13 -17.46 16.71
CA LEU B 72 2.36 -17.68 18.13
C LEU B 72 3.83 -17.99 18.41
N ALA B 73 4.42 -17.21 19.33
CA ALA B 73 5.78 -17.44 19.80
C ALA B 73 5.73 -17.86 21.27
ZN ZN C . 12.47 -2.08 -15.25
ZN ZN D . 11.55 -37.05 11.13
ZN ZN E . -6.75 21.98 -13.82
ZN ZN F . -7.53 21.70 13.43
ZN ZN G . -0.22 -4.99 -21.36
ZN ZN H . -1.53 -27.81 13.23
ZN ZN I . -1.11 37.30 -15.30
ZN ZN J . -15.20 3.40 -6.12
C1 EDO K . 5.00 -19.31 -0.02
O1 EDO K . 5.25 -20.57 -0.62
C2 EDO K . 5.18 -19.33 1.45
O2 EDO K . 4.55 -20.44 2.06
C1 EDO L . -0.73 11.17 5.64
O1 EDO L . -0.28 11.67 6.88
C2 EDO L . -0.63 12.15 4.53
O2 EDO L . -0.64 13.49 4.96
C1 EDO M . -6.23 23.86 0.92
O1 EDO M . -5.46 24.90 1.50
C2 EDO M . -7.68 24.00 1.16
O2 EDO M . -8.06 23.58 2.46
#